data_4EHU
#
_entry.id   4EHU
#
_cell.length_a   66.105
_cell.length_b   158.259
_cell.length_c   62.988
_cell.angle_alpha   90.00
_cell.angle_beta   111.97
_cell.angle_gamma   90.00
#
_symmetry.space_group_name_H-M   'C 1 2 1'
#
loop_
_entity.id
_entity.type
_entity.pdbx_description
1 polymer 'Activator of 2-hydroxyisocaproyl-CoA dehydratase'
2 non-polymer 'IRON/SULFUR CLUSTER'
3 non-polymer 'PHOSPHOAMINOPHOSPHONIC ACID-ADENYLATE ESTER'
4 non-polymer 'MAGNESIUM ION'
5 non-polymer 'ACETATE ION'
6 non-polymer 'SODIUM ION'
7 water water
#
_entity_poly.entity_id   1
_entity_poly.type   'polypeptide(L)'
_entity_poly.pdbx_seq_one_letter_code
;MYTMGLDIGSTASKGVILKNGEDIVASETISSGTGTTGPSRVLEKLYGKTGLAREDIKKVVVTGYGRMNYSDADKQISEL
SCHARGVNFIIPETRTIIDIGGQDAKVLKLDNNGRLLNFLMNDKCAAGTGRFLDVMAKIIEVDVSELGSISMNSQNEVSI
SSTCTVFAESEVISHLSENAKIEDIVAGIHTSVAKRVSSLVKRIGVQRNVVMVGGVARNSGIVRAMAREINTEIIVPDIP
QLTGALGAALYAFDEAKESQKEVKNISAWSHPQFEK
;
_entity_poly.pdbx_strand_id   A,B
#
# COMPACT_ATOMS: atom_id res chain seq x y z
N MET A 1 33.14 -15.29 28.08
CA MET A 1 32.00 -16.03 27.49
C MET A 1 31.52 -15.29 26.25
N TYR A 2 30.89 -16.01 25.33
CA TYR A 2 30.24 -15.35 24.19
C TYR A 2 28.76 -15.66 24.19
N THR A 3 27.95 -14.67 23.81
CA THR A 3 26.55 -14.92 23.51
C THR A 3 26.22 -14.39 22.12
N MET A 4 25.11 -14.84 21.56
CA MET A 4 24.74 -14.44 20.21
C MET A 4 23.28 -14.00 20.16
N GLY A 5 23.02 -12.95 19.39
CA GLY A 5 21.68 -12.49 19.09
C GLY A 5 21.42 -12.57 17.58
N LEU A 6 20.25 -13.08 17.21
CA LEU A 6 19.85 -13.14 15.81
C LEU A 6 18.53 -12.40 15.69
N ASP A 7 18.41 -11.53 14.69
CA ASP A 7 17.18 -10.79 14.43
C ASP A 7 16.76 -11.12 12.99
N ILE A 8 15.76 -11.96 12.85
CA ILE A 8 15.32 -12.41 11.55
C ILE A 8 14.07 -11.65 11.18
N GLY A 9 14.23 -10.57 10.42
CA GLY A 9 13.08 -9.74 10.10
C GLY A 9 12.45 -10.14 8.79
N SER A 10 11.54 -9.32 8.32
CA SER A 10 10.85 -9.57 7.06
C SER A 10 11.82 -9.55 5.88
N THR A 11 12.93 -8.83 6.06
CA THR A 11 13.69 -8.34 4.92
C THR A 11 15.16 -8.67 5.02
N ALA A 12 15.70 -8.61 6.23
CA ALA A 12 17.11 -8.92 6.43
C ALA A 12 17.34 -9.71 7.70
N SER A 13 18.40 -10.50 7.69
CA SER A 13 18.81 -11.25 8.88
C SER A 13 20.02 -10.58 9.48
N LYS A 14 19.96 -10.36 10.79
CA LYS A 14 21.03 -9.67 11.49
C LYS A 14 21.54 -10.52 12.64
N GLY A 15 22.85 -10.52 12.85
CA GLY A 15 23.46 -11.28 13.93
C GLY A 15 24.54 -10.50 14.65
N VAL A 16 24.67 -10.75 15.96
CA VAL A 16 25.73 -10.13 16.76
C VAL A 16 26.30 -11.20 17.67
N ILE A 17 27.63 -11.25 17.79
CA ILE A 17 28.28 -12.02 18.86
C ILE A 17 28.82 -11.00 19.86
N LEU A 18 28.44 -11.18 21.11
CA LEU A 18 28.79 -10.27 22.19
C LEU A 18 29.69 -10.99 23.20
N LYS A 19 30.77 -10.34 23.60
CA LYS A 19 31.72 -10.93 24.54
C LYS A 19 31.49 -10.35 25.93
N ASN A 20 31.26 -11.22 26.90
CA ASN A 20 31.06 -10.84 28.30
C ASN A 20 30.03 -9.73 28.44
N GLY A 21 29.00 -9.77 27.60
CA GLY A 21 27.90 -8.83 27.67
C GLY A 21 28.31 -7.37 27.48
N GLU A 22 29.48 -7.14 26.92
CA GLU A 22 29.97 -5.77 26.85
C GLU A 22 30.58 -5.39 25.51
N ASP A 23 31.23 -6.33 24.83
CA ASP A 23 31.94 -6.01 23.60
C ASP A 23 31.43 -6.76 22.38
N ILE A 24 30.95 -6.02 21.39
CA ILE A 24 30.56 -6.62 20.12
C ILE A 24 31.81 -7.06 19.38
N VAL A 25 31.99 -8.37 19.23
CA VAL A 25 33.18 -8.90 18.55
C VAL A 25 32.86 -9.27 17.11
N ALA A 26 31.58 -9.27 16.75
CA ALA A 26 31.17 -9.59 15.39
C ALA A 26 29.72 -9.19 15.14
N SER A 27 29.45 -8.79 13.91
CA SER A 27 28.09 -8.50 13.50
C SER A 27 27.98 -8.76 12.02
N GLU A 28 26.77 -8.98 11.54
CA GLU A 28 26.60 -9.30 10.14
C GLU A 28 25.16 -9.09 9.75
N THR A 29 24.96 -8.51 8.58
CA THR A 29 23.62 -8.35 8.04
C THR A 29 23.61 -9.01 6.68
N ILE A 30 22.60 -9.83 6.43
CA ILE A 30 22.36 -10.38 5.11
C ILE A 30 20.97 -9.96 4.67
N SER A 31 20.84 -9.42 3.47
CA SER A 31 19.57 -8.83 3.02
C SER A 31 18.60 -9.89 2.50
N SER A 32 18.56 -11.03 3.19
CA SER A 32 17.54 -12.04 3.02
C SER A 32 16.96 -12.34 4.39
N GLY A 33 15.64 -12.23 4.54
CA GLY A 33 15.01 -12.33 5.84
C GLY A 33 14.31 -13.64 6.07
N THR A 34 13.15 -13.56 6.71
CA THR A 34 12.40 -14.76 7.09
C THR A 34 12.09 -15.61 5.86
N GLY A 35 12.14 -16.92 6.02
CA GLY A 35 11.78 -17.82 4.94
C GLY A 35 12.90 -18.08 3.96
N THR A 36 14.03 -17.41 4.15
CA THR A 36 15.17 -17.61 3.26
C THR A 36 16.35 -18.24 3.98
N THR A 37 17.48 -18.29 3.29
CA THR A 37 18.69 -18.86 3.85
C THR A 37 19.44 -17.78 4.62
N GLY A 38 18.85 -16.59 4.67
CA GLY A 38 19.47 -15.44 5.32
C GLY A 38 20.14 -15.77 6.64
N PRO A 39 19.38 -16.38 7.57
CA PRO A 39 19.87 -16.75 8.91
C PRO A 39 21.09 -17.68 8.91
N SER A 40 21.08 -18.71 8.08
N SER A 40 21.07 -18.71 8.08
CA SER A 40 22.23 -19.61 8.03
CA SER A 40 22.22 -19.61 8.00
C SER A 40 23.45 -18.86 7.50
C SER A 40 23.44 -18.82 7.54
N ARG A 41 23.25 -17.97 6.55
CA ARG A 41 24.34 -17.19 5.97
C ARG A 41 24.91 -16.22 6.99
N VAL A 42 24.05 -15.65 7.83
CA VAL A 42 24.50 -14.77 8.90
C VAL A 42 25.43 -15.53 9.83
N LEU A 43 25.00 -16.73 10.22
CA LEU A 43 25.77 -17.57 11.12
C LEU A 43 27.13 -17.91 10.54
N GLU A 44 27.17 -18.31 9.27
CA GLU A 44 28.43 -18.64 8.61
C GLU A 44 29.41 -17.49 8.73
N LYS A 45 28.93 -16.26 8.55
CA LYS A 45 29.80 -15.11 8.54
C LYS A 45 30.28 -14.71 9.94
N LEU A 46 29.41 -14.80 10.93
CA LEU A 46 29.81 -14.56 12.30
C LEU A 46 30.90 -15.53 12.73
N TYR A 47 30.70 -16.80 12.40
CA TYR A 47 31.64 -17.86 12.75
C TYR A 47 32.96 -17.71 11.99
N GLY A 48 32.86 -17.32 10.73
CA GLY A 48 34.04 -17.12 9.91
C GLY A 48 34.89 -15.98 10.43
N LYS A 49 34.24 -14.88 10.77
CA LYS A 49 34.93 -13.70 11.28
C LYS A 49 35.65 -13.99 12.58
N THR A 50 34.96 -14.66 13.48
CA THR A 50 35.44 -14.83 14.86
C THR A 50 36.28 -16.09 15.03
N GLY A 51 36.14 -17.03 14.11
CA GLY A 51 36.78 -18.32 14.24
C GLY A 51 36.12 -19.15 15.33
N LEU A 52 34.93 -18.73 15.73
CA LEU A 52 34.18 -19.45 16.75
C LEU A 52 33.27 -20.49 16.11
N ALA A 53 32.76 -21.41 16.91
CA ALA A 53 31.80 -22.40 16.46
C ALA A 53 30.61 -22.40 17.41
N ARG A 54 29.53 -23.06 17.01
CA ARG A 54 28.32 -23.09 17.84
C ARG A 54 28.66 -23.41 19.29
N GLU A 55 29.53 -24.39 19.49
CA GLU A 55 29.79 -24.87 20.85
C GLU A 55 30.43 -23.80 21.73
N ASP A 56 31.02 -22.78 21.13
CA ASP A 56 31.63 -21.69 21.88
C ASP A 56 30.61 -20.64 22.36
N ILE A 57 29.40 -20.68 21.82
CA ILE A 57 28.37 -19.70 22.19
C ILE A 57 27.53 -20.25 23.35
N LYS A 58 27.58 -19.59 24.50
CA LYS A 58 26.94 -20.09 25.71
C LYS A 58 25.41 -20.01 25.65
N LYS A 59 24.87 -18.88 25.16
CA LYS A 59 23.44 -18.70 24.93
C LYS A 59 23.18 -17.97 23.62
N VAL A 60 22.09 -18.35 22.98
CA VAL A 60 21.64 -17.73 21.75
C VAL A 60 20.21 -17.27 21.93
N VAL A 61 19.92 -16.02 21.56
CA VAL A 61 18.54 -15.54 21.54
C VAL A 61 18.18 -15.10 20.14
N VAL A 62 16.97 -15.44 19.70
CA VAL A 62 16.49 -15.00 18.40
C VAL A 62 15.26 -14.11 18.55
N THR A 63 15.18 -13.12 17.69
CA THR A 63 14.09 -12.16 17.71
C THR A 63 13.65 -11.89 16.27
N GLY A 64 12.62 -11.06 16.13
CA GLY A 64 12.15 -10.65 14.81
C GLY A 64 10.95 -11.46 14.36
N TYR A 65 10.41 -11.07 13.22
CA TYR A 65 9.27 -11.72 12.60
C TYR A 65 9.47 -13.22 12.45
N GLY A 66 10.70 -13.63 12.14
CA GLY A 66 10.98 -15.04 11.92
C GLY A 66 11.39 -15.85 13.14
N ARG A 67 11.31 -15.25 14.33
CA ARG A 67 11.89 -15.86 15.52
C ARG A 67 11.32 -17.24 15.84
N MET A 68 10.04 -17.44 15.58
CA MET A 68 9.43 -18.73 15.96
C MET A 68 9.74 -19.82 14.95
N ASN A 69 10.13 -19.41 13.74
CA ASN A 69 10.58 -20.33 12.70
C ASN A 69 11.99 -20.84 12.97
N TYR A 70 12.65 -20.25 13.96
CA TYR A 70 14.03 -20.61 14.27
C TYR A 70 14.08 -21.47 15.52
N SER A 71 14.66 -22.65 15.42
CA SER A 71 14.55 -23.64 16.49
C SER A 71 15.83 -23.88 17.28
N ASP A 72 16.92 -23.24 16.89
CA ASP A 72 18.22 -23.47 17.54
C ASP A 72 18.63 -22.37 18.52
N ALA A 73 17.65 -21.70 19.11
CA ALA A 73 17.94 -20.65 20.09
C ALA A 73 17.52 -21.10 21.48
N ASP A 74 18.13 -20.50 22.50
CA ASP A 74 17.74 -20.74 23.88
C ASP A 74 16.46 -20.00 24.27
N LYS A 75 16.27 -18.80 23.74
CA LYS A 75 15.02 -18.07 23.92
C LYS A 75 14.65 -17.41 22.59
N GLN A 76 13.36 -17.24 22.38
CA GLN A 76 12.86 -16.39 21.31
C GLN A 76 12.18 -15.23 21.99
N ILE A 77 12.59 -14.00 21.68
CA ILE A 77 12.10 -12.84 22.45
C ILE A 77 11.61 -11.77 21.52
N SER A 78 10.54 -11.10 21.95
CA SER A 78 9.96 -9.95 21.24
C SER A 78 11.00 -8.94 20.70
N GLU A 79 10.81 -8.49 19.47
CA GLU A 79 11.71 -7.47 18.92
C GLU A 79 11.48 -6.10 19.55
N LEU A 80 10.35 -5.88 20.20
CA LEU A 80 10.18 -4.63 20.93
C LEU A 80 11.16 -4.63 22.08
N SER A 81 11.22 -5.73 22.80
CA SER A 81 12.15 -5.84 23.92
C SER A 81 13.59 -5.78 23.44
N CYS A 82 13.88 -6.49 22.36
CA CYS A 82 15.26 -6.55 21.89
C CYS A 82 15.73 -5.18 21.36
N HIS A 83 14.94 -4.47 20.57
CA HIS A 83 15.41 -3.15 20.13
C HIS A 83 15.57 -2.20 21.31
N ALA A 84 14.65 -2.22 22.27
CA ALA A 84 14.79 -1.34 23.42
C ALA A 84 16.06 -1.67 24.20
N ARG A 85 16.34 -2.95 24.41
CA ARG A 85 17.52 -3.36 25.17
C ARG A 85 18.78 -2.94 24.44
N GLY A 86 18.81 -3.18 23.13
CA GLY A 86 19.96 -2.82 22.31
C GLY A 86 20.20 -1.31 22.31
N VAL A 87 19.15 -0.54 22.10
CA VAL A 87 19.29 0.91 22.08
C VAL A 87 19.74 1.42 23.46
N ASN A 88 19.12 0.94 24.52
CA ASN A 88 19.48 1.44 25.86
C ASN A 88 20.95 1.13 26.22
N PHE A 89 21.49 0.06 25.66
CA PHE A 89 22.90 -0.31 25.88
C PHE A 89 23.85 0.72 25.24
N ILE A 90 23.42 1.33 24.13
CA ILE A 90 24.27 2.23 23.35
C ILE A 90 24.04 3.71 23.62
N ILE A 91 22.77 4.09 23.83
CA ILE A 91 22.38 5.49 23.90
C ILE A 91 21.62 5.74 25.19
N PRO A 92 22.24 6.47 26.14
CA PRO A 92 21.60 6.78 27.42
C PRO A 92 20.39 7.72 27.28
N GLU A 93 19.47 7.60 28.23
CA GLU A 93 18.37 8.55 28.35
C GLU A 93 17.42 8.45 27.15
N THR A 94 17.31 7.26 26.57
CA THR A 94 16.38 7.09 25.43
C THR A 94 14.93 6.93 25.91
N ARG A 95 14.02 7.68 25.30
CA ARG A 95 12.59 7.61 25.65
C ARG A 95 11.67 7.35 24.46
N THR A 96 12.15 7.61 23.23
CA THR A 96 11.38 7.28 22.05
C THR A 96 12.26 6.50 21.08
N ILE A 97 11.81 5.32 20.65
CA ILE A 97 12.54 4.55 19.63
C ILE A 97 11.66 4.40 18.41
N ILE A 98 12.22 4.75 17.25
CA ILE A 98 11.54 4.62 15.98
C ILE A 98 12.26 3.57 15.19
N ASP A 99 11.62 2.42 14.99
CA ASP A 99 12.22 1.32 14.26
C ASP A 99 11.55 1.23 12.90
N ILE A 100 12.24 1.69 11.85
CA ILE A 100 11.67 1.55 10.52
C ILE A 100 12.34 0.39 9.82
N GLY A 101 11.57 -0.69 9.62
CA GLY A 101 12.09 -1.89 8.98
C GLY A 101 11.55 -2.04 7.56
N GLY A 102 11.68 -3.24 7.02
CA GLY A 102 11.26 -3.54 5.67
C GLY A 102 9.78 -3.78 5.49
N GLN A 103 9.05 -4.14 6.54
CA GLN A 103 7.61 -4.33 6.39
C GLN A 103 6.75 -3.57 7.40
N ASP A 104 7.35 -3.08 8.48
CA ASP A 104 6.57 -2.25 9.39
C ASP A 104 7.42 -1.19 10.06
N ALA A 105 6.76 -0.18 10.62
CA ALA A 105 7.46 0.85 11.36
C ALA A 105 6.86 0.83 12.74
N LYS A 106 7.74 0.80 13.73
CA LYS A 106 7.33 0.69 15.11
C LYS A 106 7.80 1.90 15.87
N VAL A 107 6.93 2.44 16.72
CA VAL A 107 7.33 3.52 17.60
C VAL A 107 7.10 3.12 19.05
N LEU A 108 8.18 3.12 19.81
CA LEU A 108 8.17 2.68 21.19
C LEU A 108 8.38 3.88 22.07
N LYS A 109 7.55 3.99 23.10
CA LYS A 109 7.80 4.97 24.15
C LYS A 109 8.24 4.20 25.37
N LEU A 110 9.35 4.61 25.97
CA LEU A 110 9.90 3.90 27.12
C LEU A 110 9.81 4.77 28.37
N ASP A 111 9.71 4.13 29.53
CA ASP A 111 9.77 4.83 30.80
C ASP A 111 11.23 5.04 31.19
N ASN A 112 11.48 5.50 32.40
CA ASN A 112 12.83 5.81 32.83
C ASN A 112 13.66 4.54 33.07
N ASN A 113 13.01 3.38 33.02
CA ASN A 113 13.71 2.14 33.24
C ASN A 113 13.99 1.40 31.95
N GLY A 114 13.54 1.96 30.83
CA GLY A 114 13.73 1.35 29.54
C GLY A 114 12.59 0.42 29.19
N ARG A 115 11.55 0.42 30.01
CA ARG A 115 10.38 -0.44 29.78
C ARG A 115 9.32 0.21 28.88
N LEU A 116 8.58 -0.60 28.14
CA LEU A 116 7.60 -0.04 27.20
C LEU A 116 6.40 0.57 27.94
N LEU A 117 6.13 1.84 27.63
CA LEU A 117 5.03 2.62 28.19
C LEU A 117 3.89 2.72 27.20
N ASN A 118 4.24 2.77 25.92
CA ASN A 118 3.26 2.92 24.87
C ASN A 118 3.89 2.46 23.56
N PHE A 119 3.09 2.21 22.55
CA PHE A 119 3.57 1.56 21.35
C PHE A 119 2.58 1.80 20.25
N LEU A 120 3.06 2.17 19.07
CA LEU A 120 2.20 2.23 17.91
C LEU A 120 2.95 1.61 16.76
N MET A 121 2.23 0.93 15.90
CA MET A 121 2.88 0.31 14.77
C MET A 121 2.02 0.43 13.56
N ASN A 122 2.63 0.83 12.45
CA ASN A 122 1.97 0.74 11.16
C ASN A 122 2.45 -0.57 10.56
N ASP A 123 1.54 -1.55 10.39
CA ASP A 123 1.99 -2.87 9.93
C ASP A 123 1.22 -3.47 8.75
N LYS A 124 0.22 -2.78 8.27
CA LYS A 124 -0.59 -3.42 7.25
C LYS A 124 -0.34 -2.83 5.89
N CYS A 125 0.53 -1.82 5.84
CA CYS A 125 0.61 -0.92 4.69
C CYS A 125 2.06 -0.74 4.29
N ALA A 126 2.38 -0.90 3.01
CA ALA A 126 3.79 -0.77 2.59
C ALA A 126 4.32 0.67 2.71
N ALA A 127 3.43 1.66 2.68
CA ALA A 127 3.89 3.03 2.74
C ALA A 127 4.54 3.24 4.11
N GLY A 128 5.50 4.14 4.18
CA GLY A 128 6.12 4.48 5.45
C GLY A 128 6.97 3.35 5.99
N THR A 129 7.47 2.51 5.10
CA THR A 129 8.40 1.46 5.46
C THR A 129 9.51 1.33 4.44
N GLY A 130 10.49 0.49 4.76
CA GLY A 130 11.54 0.18 3.82
C GLY A 130 11.03 -0.33 2.48
N ARG A 131 9.89 -1.00 2.48
N ARG A 131 9.89 -1.01 2.46
CA ARG A 131 9.33 -1.53 1.25
CA ARG A 131 9.36 -1.53 1.21
C ARG A 131 9.03 -0.39 0.28
C ARG A 131 9.01 -0.39 0.26
N PHE A 132 8.48 0.71 0.79
CA PHE A 132 8.18 1.88 -0.02
C PHE A 132 9.48 2.37 -0.68
N LEU A 133 10.54 2.47 0.11
CA LEU A 133 11.82 2.98 -0.41
C LEU A 133 12.41 1.99 -1.40
N ASP A 134 12.28 0.69 -1.13
CA ASP A 134 12.86 -0.29 -2.02
C ASP A 134 12.14 -0.22 -3.37
N VAL A 135 10.82 -0.06 -3.33
CA VAL A 135 10.03 0.08 -4.54
C VAL A 135 10.44 1.32 -5.34
N MET A 136 10.60 2.46 -4.67
CA MET A 136 10.96 3.68 -5.37
C MET A 136 12.40 3.65 -5.89
N ALA A 137 13.32 3.06 -5.13
CA ALA A 137 14.72 2.99 -5.56
C ALA A 137 14.82 2.24 -6.88
N LYS A 138 14.02 1.19 -7.02
CA LYS A 138 14.00 0.38 -8.24
C LYS A 138 13.53 1.21 -9.41
N ILE A 139 12.50 2.02 -9.20
CA ILE A 139 11.91 2.81 -10.28
C ILE A 139 12.84 3.91 -10.76
N ILE A 140 13.51 4.58 -9.83
CA ILE A 140 14.41 5.67 -10.20
C ILE A 140 15.81 5.15 -10.53
N GLU A 141 15.98 3.84 -10.38
CA GLU A 141 17.21 3.15 -10.73
C GLU A 141 18.45 3.64 -9.98
N VAL A 142 18.34 3.71 -8.67
CA VAL A 142 19.51 3.88 -7.83
C VAL A 142 19.42 2.90 -6.68
N ASP A 143 20.55 2.57 -6.07
CA ASP A 143 20.51 1.64 -4.96
C ASP A 143 19.97 2.36 -3.74
N VAL A 144 19.29 1.62 -2.87
CA VAL A 144 18.71 2.22 -1.68
C VAL A 144 19.80 2.86 -0.83
N SER A 145 21.01 2.34 -0.93
CA SER A 145 22.14 2.87 -0.14
C SER A 145 22.62 4.25 -0.59
N GLU A 146 22.19 4.67 -1.78
CA GLU A 146 22.61 5.99 -2.30
C GLU A 146 21.56 7.08 -2.06
N LEU A 147 20.35 6.72 -1.65
CA LEU A 147 19.26 7.69 -1.51
C LEU A 147 19.62 8.85 -0.57
N GLY A 148 20.22 8.55 0.57
CA GLY A 148 20.51 9.56 1.57
C GLY A 148 21.42 10.64 0.99
N SER A 149 22.48 10.21 0.33
N SER A 149 22.49 10.20 0.33
CA SER A 149 23.48 11.13 -0.18
CA SER A 149 23.48 11.13 -0.18
C SER A 149 22.92 11.92 -1.36
C SER A 149 22.89 11.94 -1.34
N ILE A 150 22.10 11.28 -2.19
CA ILE A 150 21.50 11.96 -3.33
C ILE A 150 20.59 13.08 -2.84
N SER A 151 19.82 12.76 -1.79
N SER A 151 19.79 12.77 -1.82
CA SER A 151 18.79 13.63 -1.24
CA SER A 151 18.77 13.72 -1.34
C SER A 151 19.40 14.95 -0.73
C SER A 151 19.41 14.98 -0.76
N MET A 152 20.64 14.88 -0.24
CA MET A 152 21.34 16.07 0.26
C MET A 152 21.37 17.19 -0.75
N ASN A 153 21.40 16.85 -2.05
CA ASN A 153 21.51 17.88 -3.09
C ASN A 153 20.20 18.57 -3.43
N SER A 154 19.09 18.08 -2.85
CA SER A 154 17.78 18.66 -3.16
C SER A 154 17.67 20.09 -2.66
N GLN A 155 17.18 20.95 -3.53
CA GLN A 155 16.86 22.33 -3.15
C GLN A 155 15.37 22.61 -3.29
N ASN A 156 14.67 21.88 -4.13
N ASN A 156 14.71 21.78 -4.09
CA ASN A 156 13.24 22.12 -4.27
CA ASN A 156 13.35 22.01 -4.58
C ASN A 156 12.52 20.79 -4.51
C ASN A 156 12.58 20.68 -4.57
N GLU A 157 12.30 20.14 -3.39
CA GLU A 157 11.62 18.86 -3.28
C GLU A 157 10.38 18.79 -4.16
N VAL A 158 10.18 17.66 -4.85
CA VAL A 158 8.95 17.48 -5.63
C VAL A 158 7.80 17.09 -4.70
N SER A 159 6.59 17.43 -5.08
CA SER A 159 5.44 17.08 -4.26
C SER A 159 5.01 15.67 -4.63
N ILE A 160 4.70 14.87 -3.63
CA ILE A 160 4.02 13.59 -3.85
C ILE A 160 2.74 13.68 -3.05
N SER A 161 1.61 13.67 -3.76
CA SER A 161 0.32 13.90 -3.18
C SER A 161 -0.15 12.63 -2.48
N SER A 162 0.09 11.51 -3.14
CA SER A 162 -0.40 10.20 -2.69
C SER A 162 0.34 9.73 -1.47
N THR A 163 -0.38 9.09 -0.55
CA THR A 163 0.28 8.45 0.56
C THR A 163 0.45 6.94 0.30
N CYS A 164 -0.26 6.40 -0.68
CA CYS A 164 -0.18 4.98 -1.02
C CYS A 164 1.07 4.71 -1.85
N THR A 165 1.78 3.63 -1.55
CA THR A 165 2.95 3.24 -2.33
C THR A 165 2.65 3.13 -3.83
N VAL A 166 1.52 2.50 -4.15
CA VAL A 166 1.18 2.23 -5.54
C VAL A 166 0.90 3.53 -6.29
N PHE A 167 0.05 4.38 -5.71
CA PHE A 167 -0.25 5.66 -6.35
C PHE A 167 0.98 6.58 -6.38
N ALA A 168 1.80 6.52 -5.34
CA ALA A 168 3.00 7.37 -5.27
C ALA A 168 3.98 6.94 -6.37
N GLU A 169 4.06 5.64 -6.63
CA GLU A 169 4.94 5.14 -7.70
C GLU A 169 4.57 5.78 -9.04
N SER A 170 3.27 5.87 -9.33
CA SER A 170 2.86 6.54 -10.56
C SER A 170 3.28 8.02 -10.60
N GLU A 171 3.22 8.70 -9.46
CA GLU A 171 3.68 10.10 -9.44
C GLU A 171 5.17 10.20 -9.71
N VAL A 172 5.94 9.27 -9.15
CA VAL A 172 7.39 9.27 -9.31
C VAL A 172 7.75 8.98 -10.77
N ILE A 173 7.05 8.03 -11.38
CA ILE A 173 7.21 7.77 -12.81
C ILE A 173 6.95 9.03 -13.61
N SER A 174 5.91 9.79 -13.25
N SER A 174 5.90 9.77 -13.23
CA SER A 174 5.59 11.00 -13.97
CA SER A 174 5.55 11.00 -13.92
C SER A 174 6.67 12.06 -13.79
C SER A 174 6.66 12.03 -13.80
N HIS A 175 7.21 12.15 -12.59
CA HIS A 175 8.28 13.09 -12.32
C HIS A 175 9.51 12.75 -13.14
N LEU A 176 9.82 11.46 -13.27
CA LEU A 176 10.98 11.04 -14.05
C LEU A 176 10.78 11.38 -15.52
N SER A 177 9.57 11.17 -16.03
CA SER A 177 9.30 11.49 -17.43
C SER A 177 9.32 13.01 -17.64
N GLU A 178 8.97 13.76 -16.61
CA GLU A 178 9.01 15.22 -16.71
C GLU A 178 10.40 15.79 -16.44
N ASN A 179 11.39 14.90 -16.28
CA ASN A 179 12.77 15.30 -16.07
C ASN A 179 13.03 16.14 -14.81
N ALA A 180 12.22 15.95 -13.77
CA ALA A 180 12.54 16.56 -12.48
C ALA A 180 13.91 16.07 -12.02
N LYS A 181 14.62 16.91 -11.28
CA LYS A 181 15.94 16.52 -10.81
C LYS A 181 15.82 15.33 -9.85
N ILE A 182 16.65 14.32 -10.06
CA ILE A 182 16.57 13.11 -9.26
C ILE A 182 16.63 13.40 -7.75
N GLU A 183 17.51 14.31 -7.34
CA GLU A 183 17.64 14.60 -5.92
C GLU A 183 16.35 15.18 -5.34
N ASP A 184 15.59 15.94 -6.13
CA ASP A 184 14.31 16.48 -5.66
C ASP A 184 13.22 15.41 -5.61
N ILE A 185 13.29 14.45 -6.53
CA ILE A 185 12.39 13.29 -6.50
C ILE A 185 12.66 12.46 -5.26
N VAL A 186 13.94 12.19 -5.01
CA VAL A 186 14.33 11.44 -3.81
C VAL A 186 13.93 12.18 -2.52
N ALA A 187 14.15 13.50 -2.44
CA ALA A 187 13.73 14.22 -1.23
C ALA A 187 12.22 14.04 -1.02
N GLY A 188 11.44 14.08 -2.10
CA GLY A 188 9.99 13.94 -1.97
C GLY A 188 9.62 12.55 -1.46
N ILE A 189 10.32 11.53 -1.95
CA ILE A 189 10.13 10.16 -1.49
C ILE A 189 10.42 10.05 0.01
N HIS A 190 11.49 10.71 0.47
CA HIS A 190 11.83 10.69 1.87
C HIS A 190 10.79 11.40 2.70
N THR A 191 10.28 12.50 2.20
CA THR A 191 9.28 13.25 2.94
C THR A 191 8.01 12.40 3.06
N SER A 192 7.65 11.66 2.02
CA SER A 192 6.50 10.73 2.13
C SER A 192 6.63 9.77 3.30
N VAL A 193 7.79 9.13 3.42
CA VAL A 193 7.98 8.15 4.48
C VAL A 193 7.94 8.86 5.82
N ALA A 194 8.63 10.00 5.89
CA ALA A 194 8.77 10.71 7.15
C ALA A 194 7.44 11.24 7.64
N LYS A 195 6.58 11.70 6.73
CA LYS A 195 5.25 12.16 7.14
C LYS A 195 4.46 11.03 7.74
N ARG A 196 4.55 9.84 7.14
N ARG A 196 4.51 9.84 7.12
CA ARG A 196 3.74 8.74 7.63
CA ARG A 196 3.76 8.72 7.64
C ARG A 196 4.21 8.21 8.99
C ARG A 196 4.23 8.42 9.06
N VAL A 197 5.52 8.15 9.19
CA VAL A 197 6.05 7.66 10.47
C VAL A 197 5.96 8.76 11.51
N SER A 198 6.18 10.02 11.10
CA SER A 198 6.09 11.10 12.08
C SER A 198 4.69 11.25 12.68
N SER A 199 3.65 10.87 11.91
CA SER A 199 2.30 10.93 12.45
C SER A 199 2.18 9.98 13.64
N LEU A 200 2.82 8.81 13.55
CA LEU A 200 2.79 7.86 14.66
C LEU A 200 3.52 8.44 15.86
N VAL A 201 4.70 9.02 15.62
CA VAL A 201 5.45 9.61 16.69
C VAL A 201 4.68 10.70 17.40
N LYS A 202 4.04 11.58 16.62
CA LYS A 202 3.27 12.67 17.20
C LYS A 202 2.08 12.15 18.02
N ARG A 203 1.47 11.08 17.56
CA ARG A 203 0.38 10.45 18.33
C ARG A 203 0.84 9.96 19.69
N ILE A 204 2.03 9.35 19.74
CA ILE A 204 2.56 8.83 21.00
C ILE A 204 3.11 9.94 21.87
N GLY A 205 3.46 11.06 21.25
CA GLY A 205 4.08 12.16 21.97
C GLY A 205 5.59 12.00 22.00
N VAL A 206 6.29 12.88 21.30
CA VAL A 206 7.75 12.75 21.23
C VAL A 206 8.38 13.01 22.58
N GLN A 207 9.34 12.18 22.97
CA GLN A 207 10.10 12.45 24.18
C GLN A 207 11.57 12.13 23.94
N ARG A 208 12.45 13.08 24.24
CA ARG A 208 13.88 12.87 24.07
C ARG A 208 14.43 11.91 25.14
N ASN A 209 15.47 11.16 24.82
CA ASN A 209 16.11 11.19 23.52
C ASN A 209 15.34 10.35 22.53
N VAL A 210 15.29 10.80 21.28
CA VAL A 210 14.62 10.08 20.21
C VAL A 210 15.69 9.36 19.42
N VAL A 211 15.54 8.06 19.26
CA VAL A 211 16.51 7.26 18.56
C VAL A 211 15.87 6.54 17.41
N MET A 212 16.53 6.57 16.25
N MET A 212 16.49 6.59 16.23
CA MET A 212 16.07 5.81 15.08
CA MET A 212 16.01 5.79 15.11
C MET A 212 16.92 4.57 14.85
C MET A 212 16.90 4.57 14.88
N VAL A 213 16.24 3.44 14.63
CA VAL A 213 16.91 2.18 14.35
C VAL A 213 16.20 1.49 13.17
N GLY A 214 16.72 0.32 12.80
CA GLY A 214 16.24 -0.36 11.61
C GLY A 214 17.11 -0.02 10.42
N GLY A 215 16.94 -0.80 9.36
CA GLY A 215 17.77 -0.64 8.17
C GLY A 215 17.51 0.72 7.50
N VAL A 216 16.27 1.21 7.60
CA VAL A 216 15.93 2.49 6.97
C VAL A 216 16.63 3.63 7.66
N ALA A 217 17.03 3.46 8.92
CA ALA A 217 17.80 4.51 9.61
C ALA A 217 19.21 4.68 9.05
N ARG A 218 19.66 3.74 8.23
CA ARG A 218 20.91 3.90 7.50
C ARG A 218 20.80 4.95 6.39
N ASN A 219 19.57 5.32 6.03
CA ASN A 219 19.32 6.35 5.01
C ASN A 219 19.31 7.71 5.68
N SER A 220 20.38 8.49 5.51
CA SER A 220 20.51 9.77 6.20
C SER A 220 19.43 10.73 5.78
N GLY A 221 18.90 10.54 4.57
CA GLY A 221 17.80 11.38 4.09
C GLY A 221 16.53 11.16 4.87
N ILE A 222 16.27 9.91 5.24
CA ILE A 222 15.09 9.62 6.07
C ILE A 222 15.29 10.18 7.47
N VAL A 223 16.49 10.04 8.02
CA VAL A 223 16.75 10.60 9.34
C VAL A 223 16.54 12.12 9.32
N ARG A 224 17.09 12.81 8.33
CA ARG A 224 16.94 14.27 8.26
C ARG A 224 15.47 14.67 8.11
N ALA A 225 14.74 13.98 7.23
CA ALA A 225 13.33 14.29 7.01
C ALA A 225 12.52 14.04 8.27
N MET A 226 12.82 12.94 8.97
CA MET A 226 12.13 12.67 10.23
C MET A 226 12.38 13.73 11.27
N ALA A 227 13.64 14.14 11.44
CA ALA A 227 13.95 15.12 12.47
C ALA A 227 13.22 16.42 12.15
N ARG A 228 13.11 16.73 10.86
CA ARG A 228 12.38 17.90 10.41
C ARG A 228 10.89 17.76 10.78
N GLU A 229 10.30 16.62 10.44
CA GLU A 229 8.87 16.45 10.60
C GLU A 229 8.48 16.42 12.07
N ILE A 230 9.31 15.83 12.93
CA ILE A 230 8.97 15.79 14.36
C ILE A 230 9.55 16.96 15.11
N ASN A 231 10.28 17.83 14.42
CA ASN A 231 10.85 19.03 15.02
C ASN A 231 11.68 18.70 16.28
N THR A 232 12.44 17.61 16.21
CA THR A 232 13.24 17.14 17.33
C THR A 232 14.51 16.52 16.77
N GLU A 233 15.63 16.69 17.48
CA GLU A 233 16.88 15.99 17.13
C GLU A 233 16.66 14.49 17.25
N ILE A 234 17.24 13.74 16.31
CA ILE A 234 17.19 12.29 16.35
C ILE A 234 18.60 11.73 16.41
N ILE A 235 18.82 10.79 17.31
CA ILE A 235 20.10 10.13 17.45
C ILE A 235 20.02 8.82 16.69
N VAL A 236 21.06 8.51 15.93
CA VAL A 236 21.13 7.24 15.24
C VAL A 236 22.41 6.52 15.72
N PRO A 237 22.28 5.27 16.18
CA PRO A 237 23.47 4.51 16.59
C PRO A 237 24.39 4.30 15.41
N ASP A 238 25.64 3.91 15.66
CA ASP A 238 26.55 3.59 14.58
C ASP A 238 26.03 2.39 13.80
N ILE A 239 25.27 1.53 14.45
CA ILE A 239 24.81 0.26 13.87
C ILE A 239 23.27 0.11 13.95
N PRO A 240 22.53 1.04 13.34
CA PRO A 240 21.09 1.09 13.58
C PRO A 240 20.33 -0.17 13.17
N GLN A 241 20.78 -0.86 12.13
CA GLN A 241 20.08 -2.05 11.65
C GLN A 241 20.29 -3.26 12.57
N LEU A 242 21.25 -3.14 13.48
CA LEU A 242 21.67 -4.26 14.32
C LEU A 242 21.21 -4.18 15.77
N THR A 243 20.41 -3.18 16.13
CA THR A 243 20.08 -3.01 17.55
C THR A 243 19.22 -4.14 18.09
N GLY A 244 18.44 -4.76 17.21
CA GLY A 244 17.59 -5.88 17.61
C GLY A 244 18.47 -7.08 17.94
N ALA A 245 19.44 -7.35 17.08
CA ALA A 245 20.36 -8.46 17.31
C ALA A 245 21.22 -8.21 18.54
N LEU A 246 21.62 -6.96 18.76
CA LEU A 246 22.37 -6.61 19.95
C LEU A 246 21.54 -6.84 21.19
N GLY A 247 20.26 -6.43 21.15
CA GLY A 247 19.39 -6.61 22.29
C GLY A 247 19.22 -8.10 22.58
N ALA A 248 19.03 -8.88 21.54
CA ALA A 248 18.94 -10.34 21.69
C ALA A 248 20.23 -10.90 22.34
N ALA A 249 21.39 -10.41 21.91
CA ALA A 249 22.66 -10.91 22.45
C ALA A 249 22.78 -10.56 23.94
N LEU A 250 22.22 -9.42 24.33
CA LEU A 250 22.25 -8.98 25.71
C LEU A 250 21.29 -9.81 26.57
N TYR A 251 20.11 -10.13 26.04
CA TYR A 251 19.22 -11.04 26.75
C TYR A 251 19.87 -12.41 26.85
N ALA A 252 20.66 -12.76 25.84
CA ALA A 252 21.35 -14.06 25.87
C ALA A 252 22.39 -14.06 26.98
N PHE A 253 23.08 -12.94 27.14
CA PHE A 253 24.02 -12.76 28.23
C PHE A 253 23.29 -12.86 29.56
N ASP A 254 22.11 -12.25 29.68
CA ASP A 254 21.34 -12.37 30.92
C ASP A 254 21.10 -13.82 31.26
N GLU A 255 20.69 -14.59 30.24
CA GLU A 255 20.43 -16.02 30.42
C GLU A 255 21.68 -16.74 30.89
N ALA A 256 22.81 -16.41 30.30
CA ALA A 256 24.07 -17.05 30.66
C ALA A 256 24.43 -16.75 32.13
N LYS A 257 24.24 -15.50 32.54
CA LYS A 257 24.54 -15.09 33.90
C LYS A 257 23.57 -15.73 34.89
N GLU A 258 22.32 -15.91 34.48
CA GLU A 258 21.36 -16.58 35.34
C GLU A 258 21.79 -18.03 35.60
N SER A 259 22.22 -18.70 34.54
CA SER A 259 22.73 -20.08 34.66
C SER A 259 23.98 -20.21 35.56
N GLN A 260 24.88 -19.23 35.46
CA GLN A 260 26.08 -19.24 36.28
C GLN A 260 25.72 -19.03 37.75
N LYS A 261 24.77 -18.14 38.01
CA LYS A 261 24.41 -17.80 39.37
C LYS A 261 23.65 -18.91 40.11
N GLU A 262 23.15 -19.89 39.38
CA GLU A 262 22.41 -20.97 40.04
C GLU A 262 23.29 -22.19 40.34
N VAL A 263 24.61 -22.01 40.26
CA VAL A 263 25.55 -23.03 40.72
C VAL A 263 26.65 -22.34 41.51
N LYS A 264 27.43 -23.15 42.23
CA LYS A 264 28.59 -22.67 42.94
C LYS A 264 29.82 -23.33 42.34
N ASN A 265 30.91 -22.58 42.21
CA ASN A 265 32.17 -23.14 41.72
C ASN A 265 33.20 -23.11 42.84
N ILE A 266 33.61 -24.29 43.28
CA ILE A 266 34.48 -24.44 44.44
C ILE A 266 35.86 -24.96 44.07
N SER A 267 36.90 -24.20 44.39
CA SER A 267 38.27 -24.63 44.15
C SER A 267 39.19 -24.29 45.32
N ALA A 268 40.31 -25.00 45.44
CA ALA A 268 41.24 -24.82 46.55
C ALA A 268 42.60 -24.33 46.08
N MET B 1 -33.35 13.94 -31.83
CA MET B 1 -32.47 14.80 -30.99
C MET B 1 -31.42 13.91 -30.35
N TYR B 2 -30.21 14.44 -30.15
CA TYR B 2 -29.12 13.66 -29.55
C TYR B 2 -28.32 14.48 -28.55
N THR B 3 -27.98 13.88 -27.41
CA THR B 3 -27.03 14.49 -26.50
C THR B 3 -25.88 13.53 -26.24
N MET B 4 -24.78 14.03 -25.70
CA MET B 4 -23.66 13.17 -25.42
C MET B 4 -23.19 13.33 -23.98
N GLY B 5 -22.77 12.23 -23.38
CA GLY B 5 -22.15 12.22 -22.06
C GLY B 5 -20.76 11.63 -22.14
N LEU B 6 -19.80 12.25 -21.44
CA LEU B 6 -18.42 11.81 -21.43
C LEU B 6 -17.97 11.69 -19.99
N ASP B 7 -17.42 10.55 -19.62
CA ASP B 7 -16.93 10.30 -18.27
C ASP B 7 -15.45 9.97 -18.38
N ILE B 8 -14.61 10.93 -17.99
CA ILE B 8 -13.17 10.81 -18.12
C ILE B 8 -12.60 10.50 -16.76
N GLY B 9 -12.35 9.23 -16.50
CA GLY B 9 -11.94 8.81 -15.17
C GLY B 9 -10.43 8.70 -15.12
N SER B 10 -9.93 8.17 -14.02
CA SER B 10 -8.49 8.04 -13.82
C SER B 10 -7.91 7.09 -14.84
N THR B 11 -8.75 6.19 -15.34
CA THR B 11 -8.24 4.98 -15.96
C THR B 11 -8.83 4.75 -17.34
N ALA B 12 -10.09 5.09 -17.50
CA ALA B 12 -10.77 4.94 -18.80
C ALA B 12 -11.67 6.12 -19.11
N SER B 13 -11.83 6.39 -20.40
CA SER B 13 -12.79 7.36 -20.90
C SER B 13 -13.99 6.63 -21.46
N LYS B 14 -15.18 7.06 -21.06
CA LYS B 14 -16.42 6.44 -21.51
C LYS B 14 -17.30 7.51 -22.14
N GLY B 15 -18.00 7.16 -23.22
CA GLY B 15 -18.88 8.10 -23.89
C GLY B 15 -20.19 7.42 -24.24
N VAL B 16 -21.27 8.21 -24.25
CA VAL B 16 -22.59 7.73 -24.67
C VAL B 16 -23.25 8.81 -25.50
N ILE B 17 -23.81 8.41 -26.65
CA ILE B 17 -24.72 9.27 -27.37
C ILE B 17 -26.12 8.76 -27.08
N LEU B 18 -26.96 9.68 -26.61
CA LEU B 18 -28.32 9.38 -26.17
C LEU B 18 -29.33 10.05 -27.09
N LYS B 19 -30.35 9.31 -27.50
CA LYS B 19 -31.34 9.80 -28.44
C LYS B 19 -32.60 10.14 -27.69
N ASN B 20 -33.03 11.39 -27.80
CA ASN B 20 -34.29 11.83 -27.21
C ASN B 20 -34.37 11.52 -25.71
N GLY B 21 -33.22 11.50 -25.07
CA GLY B 21 -33.14 11.38 -23.63
C GLY B 21 -33.62 10.03 -23.14
N GLU B 22 -33.62 9.03 -24.04
CA GLU B 22 -34.18 7.73 -23.66
C GLU B 22 -33.51 6.52 -24.30
N ASP B 23 -32.92 6.69 -25.48
CA ASP B 23 -32.32 5.58 -26.21
C ASP B 23 -30.82 5.76 -26.42
N ILE B 24 -30.03 4.85 -25.88
CA ILE B 24 -28.59 4.87 -26.12
C ILE B 24 -28.32 4.33 -27.52
N VAL B 25 -27.81 5.17 -28.42
CA VAL B 25 -27.57 4.72 -29.78
C VAL B 25 -26.10 4.36 -30.00
N ALA B 26 -25.22 4.82 -29.11
CA ALA B 26 -23.79 4.47 -29.19
C ALA B 26 -23.11 4.63 -27.84
N SER B 27 -22.21 3.71 -27.53
CA SER B 27 -21.40 3.82 -26.32
C SER B 27 -20.02 3.29 -26.64
N GLU B 28 -19.00 3.82 -25.96
CA GLU B 28 -17.63 3.45 -26.25
C GLU B 28 -16.79 3.65 -25.01
N THR B 29 -15.88 2.71 -24.78
CA THR B 29 -14.93 2.78 -23.68
C THR B 29 -13.54 2.57 -24.22
N ILE B 30 -12.65 3.48 -23.88
CA ILE B 30 -11.24 3.41 -24.22
C ILE B 30 -10.48 3.41 -22.91
N SER B 31 -9.61 2.41 -22.70
N SER B 31 -9.62 2.41 -22.71
CA SER B 31 -8.88 2.26 -21.45
CA SER B 31 -8.90 2.26 -21.45
C SER B 31 -7.72 3.23 -21.32
C SER B 31 -7.71 3.22 -21.35
N SER B 32 -7.97 4.49 -21.63
CA SER B 32 -7.03 5.57 -21.38
C SER B 32 -7.84 6.72 -20.79
N GLY B 33 -7.49 7.17 -19.58
CA GLY B 33 -8.29 8.18 -18.92
C GLY B 33 -7.71 9.58 -19.00
N THR B 34 -7.80 10.29 -17.89
CA THR B 34 -7.24 11.62 -17.78
C THR B 34 -5.80 11.66 -18.28
N GLY B 35 -5.48 12.68 -19.06
CA GLY B 35 -4.10 12.91 -19.49
C GLY B 35 -3.67 12.12 -20.71
N THR B 36 -4.64 11.58 -21.46
CA THR B 36 -4.32 10.85 -22.68
C THR B 36 -5.31 11.21 -23.78
N THR B 37 -5.14 10.59 -24.95
CA THR B 37 -6.02 10.85 -26.09
C THR B 37 -7.31 10.06 -25.99
N GLY B 38 -7.51 9.35 -24.88
CA GLY B 38 -8.67 8.51 -24.70
C GLY B 38 -9.97 9.22 -25.01
N PRO B 39 -10.16 10.42 -24.44
CA PRO B 39 -11.38 11.18 -24.72
C PRO B 39 -11.59 11.43 -26.21
N SER B 40 -10.54 11.89 -26.90
CA SER B 40 -10.63 12.13 -28.34
C SER B 40 -11.00 10.88 -29.11
N ARG B 41 -10.44 9.74 -28.71
CA ARG B 41 -10.67 8.48 -29.40
C ARG B 41 -12.08 7.97 -29.14
N VAL B 42 -12.60 8.20 -27.94
CA VAL B 42 -13.98 7.84 -27.65
C VAL B 42 -14.91 8.60 -28.58
N LEU B 43 -14.63 9.89 -28.77
CA LEU B 43 -15.47 10.73 -29.61
C LEU B 43 -15.45 10.21 -31.03
N GLU B 44 -14.24 10.07 -31.57
CA GLU B 44 -14.05 9.53 -32.91
C GLU B 44 -14.92 8.32 -33.15
N LYS B 45 -14.97 7.43 -32.16
CA LYS B 45 -15.67 6.15 -32.31
C LYS B 45 -17.18 6.27 -32.19
N LEU B 46 -17.65 7.16 -31.32
CA LEU B 46 -19.09 7.41 -31.18
C LEU B 46 -19.61 7.99 -32.48
N TYR B 47 -18.80 8.83 -33.10
CA TYR B 47 -19.16 9.47 -34.36
C TYR B 47 -19.16 8.49 -35.52
N GLY B 48 -18.13 7.65 -35.59
CA GLY B 48 -18.06 6.66 -36.64
C GLY B 48 -19.19 5.66 -36.51
N LYS B 49 -19.52 5.32 -35.28
CA LYS B 49 -20.53 4.30 -34.99
C LYS B 49 -21.93 4.78 -35.34
N THR B 50 -22.17 6.09 -35.22
CA THR B 50 -23.52 6.64 -35.43
C THR B 50 -23.68 7.30 -36.80
N GLY B 51 -22.58 7.78 -37.36
CA GLY B 51 -22.62 8.59 -38.57
C GLY B 51 -22.88 10.05 -38.27
N LEU B 52 -23.11 10.37 -37.00
CA LEU B 52 -23.34 11.75 -36.59
C LEU B 52 -22.02 12.51 -36.46
N ALA B 53 -22.11 13.81 -36.17
CA ALA B 53 -20.94 14.65 -35.99
C ALA B 53 -21.22 15.66 -34.88
N ARG B 54 -20.22 16.44 -34.49
CA ARG B 54 -20.37 17.37 -33.37
C ARG B 54 -21.59 18.27 -33.55
N GLU B 55 -21.88 18.64 -34.79
CA GLU B 55 -22.97 19.56 -35.09
C GLU B 55 -24.33 18.96 -34.74
N ASP B 56 -24.41 17.64 -34.82
CA ASP B 56 -25.66 16.92 -34.58
C ASP B 56 -25.95 16.71 -33.10
N ILE B 57 -24.97 17.02 -32.25
CA ILE B 57 -25.06 16.83 -30.81
C ILE B 57 -25.52 18.12 -30.14
N LYS B 58 -26.77 18.17 -29.67
CA LYS B 58 -27.29 19.42 -29.14
C LYS B 58 -26.56 19.84 -27.86
N LYS B 59 -26.33 18.90 -26.95
CA LYS B 59 -25.64 19.24 -25.70
C LYS B 59 -24.69 18.12 -25.30
N VAL B 60 -23.56 18.50 -24.70
CA VAL B 60 -22.58 17.56 -24.17
C VAL B 60 -22.28 17.86 -22.69
N VAL B 61 -22.22 16.82 -21.86
CA VAL B 61 -21.82 17.02 -20.48
C VAL B 61 -20.67 16.08 -20.23
N VAL B 62 -19.64 16.59 -19.57
CA VAL B 62 -18.50 15.77 -19.16
C VAL B 62 -18.48 15.60 -17.64
N THR B 63 -18.03 14.42 -17.21
CA THR B 63 -17.93 14.10 -15.78
C THR B 63 -16.64 13.31 -15.53
N GLY B 64 -16.41 12.93 -14.28
CA GLY B 64 -15.23 12.17 -13.91
C GLY B 64 -14.03 13.00 -13.48
N TYR B 65 -12.97 12.29 -13.11
CA TYR B 65 -11.75 12.89 -12.57
C TYR B 65 -11.19 13.95 -13.52
N GLY B 66 -11.25 13.70 -14.83
CA GLY B 66 -10.67 14.59 -15.81
C GLY B 66 -11.59 15.64 -16.42
N ARG B 67 -12.75 15.86 -15.80
CA ARG B 67 -13.79 16.67 -16.41
C ARG B 67 -13.43 18.16 -16.52
N MET B 68 -12.70 18.70 -15.55
CA MET B 68 -12.35 20.13 -15.60
C MET B 68 -11.20 20.37 -16.57
N ASN B 69 -10.52 19.29 -16.96
CA ASN B 69 -9.46 19.39 -17.96
C ASN B 69 -10.04 19.35 -19.38
N TYR B 70 -11.35 19.15 -19.50
CA TYR B 70 -12.00 19.06 -20.79
C TYR B 70 -12.78 20.34 -21.09
N SER B 71 -12.50 20.98 -22.22
CA SER B 71 -13.04 22.31 -22.48
C SER B 71 -14.11 22.36 -23.57
N ASP B 72 -14.55 21.21 -24.06
CA ASP B 72 -15.50 21.17 -25.17
C ASP B 72 -16.90 20.74 -24.76
N ALA B 73 -17.24 20.90 -23.48
CA ALA B 73 -18.55 20.49 -22.99
C ALA B 73 -19.40 21.69 -22.57
N ASP B 74 -20.72 21.53 -22.61
CA ASP B 74 -21.61 22.59 -22.17
C ASP B 74 -21.59 22.71 -20.64
N LYS B 75 -21.55 21.58 -19.95
CA LYS B 75 -21.38 21.58 -18.49
C LYS B 75 -20.44 20.48 -18.07
N GLN B 76 -19.77 20.72 -16.95
CA GLN B 76 -18.99 19.71 -16.28
C GLN B 76 -19.69 19.40 -14.97
N ILE B 77 -20.06 18.15 -14.76
CA ILE B 77 -20.84 17.79 -13.58
C ILE B 77 -20.21 16.66 -12.79
N SER B 78 -20.32 16.77 -11.46
CA SER B 78 -19.92 15.73 -10.52
C SER B 78 -20.28 14.32 -10.93
N GLU B 79 -19.32 13.39 -10.81
CA GLU B 79 -19.57 12.00 -11.13
C GLU B 79 -20.48 11.35 -10.11
N LEU B 80 -20.60 11.94 -8.92
CA LEU B 80 -21.57 11.38 -7.98
C LEU B 80 -22.96 11.57 -8.58
N SER B 81 -23.24 12.78 -9.04
CA SER B 81 -24.54 13.09 -9.63
C SER B 81 -24.78 12.27 -10.89
N CYS B 82 -23.77 12.18 -11.75
CA CYS B 82 -23.92 11.47 -13.01
C CYS B 82 -24.14 9.96 -12.82
N HIS B 83 -23.36 9.29 -11.98
CA HIS B 83 -23.60 7.87 -11.74
C HIS B 83 -24.97 7.66 -11.12
N ALA B 84 -25.36 8.51 -10.17
CA ALA B 84 -26.69 8.38 -9.58
C ALA B 84 -27.78 8.50 -10.66
N ARG B 85 -27.64 9.49 -11.54
CA ARG B 85 -28.62 9.73 -12.59
C ARG B 85 -28.69 8.54 -13.55
N GLY B 86 -27.54 8.03 -13.92
CA GLY B 86 -27.46 6.96 -14.87
C GLY B 86 -28.07 5.70 -14.31
N VAL B 87 -27.71 5.37 -13.07
CA VAL B 87 -28.28 4.19 -12.42
C VAL B 87 -29.78 4.31 -12.23
N ASN B 88 -30.25 5.45 -11.74
CA ASN B 88 -31.69 5.64 -11.54
C ASN B 88 -32.48 5.49 -12.84
N PHE B 89 -31.83 5.76 -13.97
CA PHE B 89 -32.48 5.66 -15.28
C PHE B 89 -32.75 4.19 -15.64
N ILE B 90 -31.85 3.32 -15.19
CA ILE B 90 -31.89 1.88 -15.54
C ILE B 90 -32.59 1.02 -14.49
N ILE B 91 -32.35 1.33 -13.22
CA ILE B 91 -32.75 0.46 -12.13
C ILE B 91 -33.62 1.20 -11.11
N PRO B 92 -34.90 0.82 -11.00
CA PRO B 92 -35.78 1.49 -10.05
C PRO B 92 -35.41 1.20 -8.61
N GLU B 93 -35.77 2.13 -7.72
CA GLU B 93 -35.65 1.93 -6.28
C GLU B 93 -34.23 1.66 -5.79
N THR B 94 -33.27 2.32 -6.42
CA THR B 94 -31.87 2.21 -6.04
C THR B 94 -31.61 3.07 -4.81
N ARG B 95 -31.03 2.46 -3.78
CA ARG B 95 -30.71 3.20 -2.56
C ARG B 95 -29.23 3.16 -2.23
N THR B 96 -28.49 2.18 -2.76
CA THR B 96 -27.05 2.12 -2.55
C THR B 96 -26.35 1.90 -3.88
N ILE B 97 -25.37 2.75 -4.20
CA ILE B 97 -24.58 2.56 -5.40
C ILE B 97 -23.12 2.39 -5.02
N ILE B 98 -22.50 1.35 -5.54
CA ILE B 98 -21.11 1.04 -5.26
C ILE B 98 -20.38 1.18 -6.57
N ASP B 99 -19.54 2.21 -6.69
CA ASP B 99 -18.81 2.52 -7.90
C ASP B 99 -17.36 2.15 -7.66
N ILE B 100 -16.92 1.03 -8.22
CA ILE B 100 -15.51 0.69 -8.11
C ILE B 100 -14.81 1.02 -9.41
N GLY B 101 -13.95 2.04 -9.37
CA GLY B 101 -13.23 2.47 -10.54
C GLY B 101 -11.77 2.14 -10.48
N GLY B 102 -10.98 2.78 -11.34
CA GLY B 102 -9.56 2.54 -11.43
C GLY B 102 -8.71 3.15 -10.33
N GLN B 103 -9.19 4.18 -9.63
CA GLN B 103 -8.36 4.75 -8.56
C GLN B 103 -9.12 4.96 -7.27
N ASP B 104 -10.44 4.86 -7.30
CA ASP B 104 -11.15 4.91 -6.03
C ASP B 104 -12.45 4.10 -6.03
N ALA B 105 -12.97 3.86 -4.83
CA ALA B 105 -14.23 3.15 -4.66
C ALA B 105 -15.20 4.08 -3.95
N LYS B 106 -16.35 4.30 -4.54
CA LYS B 106 -17.32 5.25 -3.99
C LYS B 106 -18.57 4.49 -3.60
N VAL B 107 -19.14 4.80 -2.44
CA VAL B 107 -20.42 4.26 -2.03
C VAL B 107 -21.40 5.40 -1.79
N LEU B 108 -22.49 5.41 -2.54
CA LEU B 108 -23.49 6.46 -2.49
C LEU B 108 -24.74 5.89 -1.85
N LYS B 109 -25.36 6.67 -0.96
CA LYS B 109 -26.64 6.31 -0.41
C LYS B 109 -27.61 7.35 -0.91
N LEU B 110 -28.72 6.91 -1.48
CA LEU B 110 -29.69 7.79 -2.11
C LEU B 110 -30.99 7.78 -1.34
N ASP B 111 -31.70 8.90 -1.37
CA ASP B 111 -33.05 8.94 -0.82
C ASP B 111 -34.06 8.48 -1.86
N ASN B 112 -35.34 8.68 -1.59
CA ASN B 112 -36.40 8.21 -2.49
C ASN B 112 -36.53 8.99 -3.80
N ASN B 113 -35.87 10.14 -3.88
CA ASN B 113 -35.86 10.94 -5.08
C ASN B 113 -34.61 10.73 -5.91
N GLY B 114 -33.71 9.86 -5.43
CA GLY B 114 -32.47 9.57 -6.12
C GLY B 114 -31.36 10.55 -5.76
N ARG B 115 -31.59 11.35 -4.72
CA ARG B 115 -30.65 12.36 -4.26
C ARG B 115 -29.69 11.82 -3.18
N LEU B 116 -28.45 12.29 -3.19
CA LEU B 116 -27.44 11.81 -2.27
C LEU B 116 -27.80 12.16 -0.81
N LEU B 117 -27.83 11.13 0.03
CA LEU B 117 -28.06 11.22 1.49
C LEU B 117 -26.79 11.04 2.29
N ASN B 118 -25.87 10.26 1.76
CA ASN B 118 -24.65 9.89 2.47
C ASN B 118 -23.70 9.31 1.44
N PHE B 119 -22.43 9.26 1.78
CA PHE B 119 -21.40 8.96 0.80
C PHE B 119 -20.15 8.58 1.57
N LEU B 120 -19.46 7.55 1.12
CA LEU B 120 -18.18 7.17 1.70
C LEU B 120 -17.26 6.80 0.55
N MET B 121 -15.97 7.16 0.62
CA MET B 121 -15.09 6.86 -0.50
C MET B 121 -13.74 6.41 0.00
N ASN B 122 -13.17 5.39 -0.63
CA ASN B 122 -11.76 5.10 -0.43
C ASN B 122 -11.00 5.64 -1.62
N ASP B 123 -10.25 6.73 -1.44
CA ASP B 123 -9.46 7.26 -2.55
C ASP B 123 -7.99 7.34 -2.18
N LYS B 124 -7.63 6.76 -1.06
CA LYS B 124 -6.24 6.89 -0.60
C LYS B 124 -5.42 5.62 -0.68
N CYS B 125 -6.09 4.48 -0.85
CA CYS B 125 -5.44 3.17 -0.86
C CYS B 125 -5.76 2.44 -2.14
N ALA B 126 -4.76 1.91 -2.84
CA ALA B 126 -5.02 1.22 -4.09
C ALA B 126 -5.76 -0.10 -3.89
N ALA B 127 -5.67 -0.68 -2.70
CA ALA B 127 -6.39 -1.93 -2.45
C ALA B 127 -7.88 -1.66 -2.52
N GLY B 128 -8.66 -2.65 -2.92
CA GLY B 128 -10.11 -2.45 -3.01
C GLY B 128 -10.52 -1.49 -4.11
N THR B 129 -9.64 -1.28 -5.09
CA THR B 129 -9.99 -0.56 -6.32
C THR B 129 -9.54 -1.34 -7.54
N GLY B 130 -9.90 -0.84 -8.71
CA GLY B 130 -9.48 -1.45 -9.96
C GLY B 130 -7.98 -1.52 -10.09
N ARG B 131 -7.26 -0.59 -9.47
CA ARG B 131 -5.80 -0.57 -9.53
C ARG B 131 -5.22 -1.88 -8.98
N PHE B 132 -5.82 -2.39 -7.90
CA PHE B 132 -5.38 -3.66 -7.29
C PHE B 132 -5.48 -4.78 -8.33
N LEU B 133 -6.62 -4.86 -9.02
CA LEU B 133 -6.84 -5.89 -10.04
C LEU B 133 -5.92 -5.71 -11.22
N ASP B 134 -5.65 -4.47 -11.60
CA ASP B 134 -4.77 -4.22 -12.75
C ASP B 134 -3.38 -4.72 -12.41
N VAL B 135 -2.93 -4.47 -11.18
CA VAL B 135 -1.60 -4.90 -10.75
C VAL B 135 -1.52 -6.42 -10.74
N MET B 136 -2.52 -7.07 -10.15
CA MET B 136 -2.52 -8.52 -10.08
C MET B 136 -2.61 -9.15 -11.47
N ALA B 137 -3.41 -8.55 -12.35
CA ALA B 137 -3.59 -9.11 -13.68
C ALA B 137 -2.26 -9.11 -14.42
N LYS B 138 -1.47 -8.06 -14.18
CA LYS B 138 -0.20 -7.90 -14.87
C LYS B 138 0.77 -8.98 -14.41
N ILE B 139 0.74 -9.30 -13.12
CA ILE B 139 1.64 -10.28 -12.53
C ILE B 139 1.29 -11.69 -13.01
N ILE B 140 0.00 -11.97 -13.08
CA ILE B 140 -0.50 -13.27 -13.51
C ILE B 140 -0.47 -13.38 -15.03
N GLU B 141 -0.34 -12.23 -15.70
CA GLU B 141 -0.23 -12.16 -17.16
C GLU B 141 -1.50 -12.61 -17.87
N VAL B 142 -2.62 -12.08 -17.42
CA VAL B 142 -3.90 -12.26 -18.08
C VAL B 142 -4.58 -10.89 -18.10
N ASP B 143 -5.51 -10.69 -19.03
CA ASP B 143 -6.25 -9.42 -19.08
C ASP B 143 -7.25 -9.35 -17.94
N VAL B 144 -7.49 -8.15 -17.41
CA VAL B 144 -8.49 -7.97 -16.37
C VAL B 144 -9.85 -8.47 -16.84
N SER B 145 -10.06 -8.50 -18.15
CA SER B 145 -11.35 -8.90 -18.72
C SER B 145 -11.57 -10.41 -18.57
N GLU B 146 -10.50 -11.14 -18.26
CA GLU B 146 -10.58 -12.60 -18.13
C GLU B 146 -10.72 -13.05 -16.68
N LEU B 147 -10.48 -12.15 -15.73
CA LEU B 147 -10.41 -12.57 -14.34
C LEU B 147 -11.72 -13.18 -13.84
N GLY B 148 -12.85 -12.65 -14.27
CA GLY B 148 -14.13 -13.17 -13.84
C GLY B 148 -14.31 -14.61 -14.26
N SER B 149 -14.06 -14.87 -15.54
CA SER B 149 -14.25 -16.21 -16.09
C SER B 149 -13.26 -17.19 -15.46
N ILE B 150 -12.02 -16.75 -15.30
CA ILE B 150 -11.00 -17.58 -14.68
C ILE B 150 -11.41 -17.99 -13.28
N SER B 151 -11.92 -17.04 -12.49
CA SER B 151 -12.27 -17.33 -11.10
C SER B 151 -13.43 -18.33 -11.01
N MET B 152 -14.22 -18.43 -12.08
CA MET B 152 -15.35 -19.36 -12.09
C MET B 152 -14.89 -20.81 -11.90
N ASN B 153 -13.71 -21.14 -12.44
CA ASN B 153 -13.16 -22.50 -12.34
C ASN B 153 -12.59 -22.86 -10.97
N SER B 154 -12.50 -21.91 -10.07
CA SER B 154 -11.88 -22.19 -8.78
C SER B 154 -12.65 -23.22 -7.97
N GLN B 155 -11.90 -24.17 -7.42
CA GLN B 155 -12.45 -25.18 -6.53
C GLN B 155 -11.74 -25.16 -5.17
N ASN B 156 -10.66 -24.38 -5.07
CA ASN B 156 -9.85 -24.36 -3.86
C ASN B 156 -9.18 -22.99 -3.69
N GLU B 157 -10.00 -21.97 -3.47
CA GLU B 157 -9.55 -20.57 -3.38
C GLU B 157 -8.36 -20.43 -2.45
N VAL B 158 -7.34 -19.69 -2.90
CA VAL B 158 -6.18 -19.42 -2.07
C VAL B 158 -6.49 -18.16 -1.27
N SER B 159 -6.17 -18.18 0.02
CA SER B 159 -6.37 -16.99 0.85
C SER B 159 -5.21 -16.04 0.63
N ILE B 160 -5.54 -14.76 0.53
CA ILE B 160 -4.52 -13.73 0.50
C ILE B 160 -4.60 -13.07 1.86
N SER B 161 -3.50 -13.12 2.60
CA SER B 161 -3.43 -12.60 3.95
C SER B 161 -3.32 -11.07 3.97
N SER B 162 -2.48 -10.56 3.07
CA SER B 162 -2.21 -9.12 3.01
C SER B 162 -3.39 -8.34 2.48
N THR B 163 -3.65 -7.20 3.07
CA THR B 163 -4.68 -6.31 2.55
C THR B 163 -4.07 -5.24 1.64
N CYS B 164 -2.76 -5.06 1.73
CA CYS B 164 -2.06 -4.04 0.94
C CYS B 164 -1.74 -4.57 -0.46
N THR B 165 -1.94 -3.74 -1.49
CA THR B 165 -1.63 -4.14 -2.87
C THR B 165 -0.18 -4.63 -3.03
N VAL B 166 0.76 -3.92 -2.40
CA VAL B 166 2.17 -4.24 -2.56
C VAL B 166 2.50 -5.56 -1.90
N PHE B 167 2.07 -5.72 -0.66
CA PHE B 167 2.33 -6.97 0.05
C PHE B 167 1.54 -8.13 -0.62
N ALA B 168 0.36 -7.84 -1.15
CA ALA B 168 -0.46 -8.89 -1.79
C ALA B 168 0.22 -9.35 -3.08
N GLU B 169 0.85 -8.41 -3.78
CA GLU B 169 1.56 -8.75 -5.00
C GLU B 169 2.62 -9.80 -4.71
N SER B 170 3.34 -9.63 -3.61
CA SER B 170 4.38 -10.59 -3.24
C SER B 170 3.76 -11.94 -2.92
N GLU B 171 2.63 -11.92 -2.25
CA GLU B 171 1.96 -13.19 -1.94
C GLU B 171 1.59 -13.93 -3.21
N VAL B 172 1.02 -13.20 -4.17
CA VAL B 172 0.57 -13.78 -5.42
C VAL B 172 1.77 -14.32 -6.22
N ILE B 173 2.87 -13.60 -6.18
CA ILE B 173 4.09 -14.11 -6.80
C ILE B 173 4.50 -15.42 -6.14
N SER B 174 4.37 -15.49 -4.81
CA SER B 174 4.76 -16.69 -4.08
C SER B 174 3.83 -17.87 -4.37
N HIS B 175 2.54 -17.59 -4.54
CA HIS B 175 1.58 -18.63 -4.87
C HIS B 175 1.86 -19.17 -6.27
N LEU B 176 2.21 -18.27 -7.19
CA LEU B 176 2.54 -18.64 -8.55
C LEU B 176 3.80 -19.51 -8.57
N SER B 177 4.74 -19.21 -7.67
CA SER B 177 5.98 -19.99 -7.61
C SER B 177 5.74 -21.37 -7.01
N GLU B 178 4.71 -21.48 -6.18
CA GLU B 178 4.33 -22.75 -5.57
C GLU B 178 3.33 -23.49 -6.44
N ASN B 179 3.18 -23.04 -7.68
CA ASN B 179 2.31 -23.69 -8.67
C ASN B 179 0.83 -23.80 -8.28
N ALA B 180 0.37 -22.91 -7.40
CA ALA B 180 -1.05 -22.82 -7.11
C ALA B 180 -1.76 -22.59 -8.43
N LYS B 181 -2.98 -23.12 -8.56
CA LYS B 181 -3.74 -22.98 -9.79
C LYS B 181 -4.17 -21.53 -9.94
N ILE B 182 -4.05 -21.02 -11.16
CA ILE B 182 -4.37 -19.63 -11.42
C ILE B 182 -5.81 -19.29 -11.03
N GLU B 183 -6.74 -20.23 -11.21
CA GLU B 183 -8.14 -19.94 -10.90
C GLU B 183 -8.35 -19.73 -9.39
N ASP B 184 -7.59 -20.46 -8.59
CA ASP B 184 -7.68 -20.32 -7.14
C ASP B 184 -7.01 -19.03 -6.64
N ILE B 185 -5.91 -18.65 -7.30
CA ILE B 185 -5.25 -17.39 -6.96
C ILE B 185 -6.20 -16.23 -7.28
N VAL B 186 -6.81 -16.28 -8.45
CA VAL B 186 -7.72 -15.20 -8.85
C VAL B 186 -8.94 -15.11 -7.94
N ALA B 187 -9.52 -16.26 -7.59
CA ALA B 187 -10.63 -16.24 -6.66
C ALA B 187 -10.24 -15.56 -5.34
N GLY B 188 -9.05 -15.86 -4.84
CA GLY B 188 -8.56 -15.21 -3.63
C GLY B 188 -8.38 -13.71 -3.83
N ILE B 189 -7.87 -13.30 -5.00
CA ILE B 189 -7.77 -11.86 -5.34
C ILE B 189 -9.14 -11.16 -5.30
N HIS B 190 -10.17 -11.82 -5.85
CA HIS B 190 -11.49 -11.26 -5.84
C HIS B 190 -12.02 -11.12 -4.43
N THR B 191 -11.80 -12.13 -3.62
CA THR B 191 -12.21 -12.07 -2.23
C THR B 191 -11.54 -10.90 -1.49
N SER B 192 -10.25 -10.69 -1.68
CA SER B 192 -9.55 -9.54 -1.09
C SER B 192 -10.22 -8.21 -1.44
N VAL B 193 -10.52 -8.00 -2.72
CA VAL B 193 -11.13 -6.76 -3.16
C VAL B 193 -12.49 -6.64 -2.53
N ALA B 194 -13.25 -7.74 -2.54
CA ALA B 194 -14.63 -7.68 -2.03
C ALA B 194 -14.66 -7.41 -0.53
N LYS B 195 -13.71 -7.99 0.21
CA LYS B 195 -13.66 -7.73 1.65
C LYS B 195 -13.39 -6.24 1.95
N ARG B 196 -12.49 -5.64 1.20
N ARG B 196 -12.45 -5.65 1.22
CA ARG B 196 -12.17 -4.23 1.44
CA ARG B 196 -12.16 -4.21 1.36
C ARG B 196 -13.32 -3.27 1.07
C ARG B 196 -13.41 -3.37 1.14
N VAL B 197 -13.98 -3.50 -0.06
CA VAL B 197 -15.11 -2.65 -0.44
C VAL B 197 -16.34 -2.93 0.43
N SER B 198 -16.55 -4.19 0.79
CA SER B 198 -17.66 -4.57 1.65
C SER B 198 -17.60 -3.84 2.98
N SER B 199 -16.40 -3.67 3.52
CA SER B 199 -16.24 -2.99 4.79
C SER B 199 -16.72 -1.55 4.63
N LEU B 200 -16.38 -0.96 3.49
N LEU B 200 -16.39 -0.97 3.48
CA LEU B 200 -16.85 0.39 3.16
CA LEU B 200 -16.83 0.38 3.17
C LEU B 200 -18.37 0.44 3.16
C LEU B 200 -18.35 0.47 3.12
N VAL B 201 -18.99 -0.44 2.38
CA VAL B 201 -20.43 -0.46 2.25
C VAL B 201 -21.14 -0.66 3.59
N LYS B 202 -20.58 -1.50 4.45
CA LYS B 202 -21.22 -1.82 5.72
C LYS B 202 -21.22 -0.62 6.66
N ARG B 203 -20.22 0.26 6.52
CA ARG B 203 -20.15 1.46 7.34
C ARG B 203 -21.25 2.45 7.02
N ILE B 204 -21.71 2.45 5.77
CA ILE B 204 -22.74 3.38 5.32
C ILE B 204 -24.12 2.77 5.55
N GLY B 205 -24.19 1.44 5.66
CA GLY B 205 -25.45 0.77 5.89
C GLY B 205 -26.10 0.37 4.57
N VAL B 206 -26.07 -0.92 4.28
CA VAL B 206 -26.68 -1.44 3.06
C VAL B 206 -28.17 -1.09 3.04
N GLN B 207 -28.64 -0.62 1.89
CA GLN B 207 -30.08 -0.40 1.68
C GLN B 207 -30.42 -0.80 0.25
N ARG B 208 -31.33 -1.75 0.09
CA ARG B 208 -31.72 -2.16 -1.25
C ARG B 208 -32.57 -1.09 -1.95
N ASN B 209 -32.50 -1.03 -3.28
CA ASN B 209 -31.64 -1.89 -4.08
C ASN B 209 -30.19 -1.43 -4.10
N VAL B 210 -29.29 -2.40 -4.07
CA VAL B 210 -27.85 -2.17 -4.11
C VAL B 210 -27.39 -2.42 -5.54
N VAL B 211 -26.68 -1.45 -6.10
CA VAL B 211 -26.29 -1.49 -7.50
C VAL B 211 -24.78 -1.31 -7.55
N MET B 212 -24.10 -2.14 -8.34
CA MET B 212 -22.67 -1.96 -8.56
C MET B 212 -22.45 -1.44 -9.98
N VAL B 213 -21.59 -0.42 -10.06
CA VAL B 213 -21.18 0.18 -11.32
C VAL B 213 -19.67 0.36 -11.34
N GLY B 214 -19.16 0.88 -12.44
CA GLY B 214 -17.72 1.03 -12.63
C GLY B 214 -17.19 -0.13 -13.46
N GLY B 215 -15.95 0.00 -13.93
CA GLY B 215 -15.36 -0.99 -14.81
C GLY B 215 -15.14 -2.29 -14.09
N VAL B 216 -14.86 -2.21 -12.79
CA VAL B 216 -14.65 -3.41 -11.99
C VAL B 216 -15.93 -4.27 -11.90
N ALA B 217 -17.10 -3.65 -12.00
CA ALA B 217 -18.37 -4.38 -11.99
C ALA B 217 -18.56 -5.24 -13.25
N ARG B 218 -17.70 -5.04 -14.25
CA ARG B 218 -17.69 -5.96 -15.39
C ARG B 218 -17.11 -7.31 -15.04
N ASN B 219 -16.43 -7.38 -13.90
CA ASN B 219 -15.82 -8.62 -13.42
C ASN B 219 -16.84 -9.42 -12.60
N SER B 220 -17.36 -10.48 -13.20
CA SER B 220 -18.43 -11.24 -12.60
C SER B 220 -18.00 -11.88 -11.28
N GLY B 221 -16.72 -12.20 -11.16
CA GLY B 221 -16.18 -12.77 -9.94
C GLY B 221 -16.17 -11.78 -8.79
N ILE B 222 -15.85 -10.52 -9.08
CA ILE B 222 -15.96 -9.49 -8.06
C ILE B 222 -17.40 -9.30 -7.62
N VAL B 223 -18.35 -9.28 -8.55
CA VAL B 223 -19.72 -9.00 -8.16
C VAL B 223 -20.25 -10.12 -7.25
N ARG B 224 -19.93 -11.34 -7.62
CA ARG B 224 -20.32 -12.51 -6.82
C ARG B 224 -19.72 -12.43 -5.42
N ALA B 225 -18.43 -12.09 -5.35
CA ALA B 225 -17.78 -12.03 -4.06
C ALA B 225 -18.37 -10.91 -3.22
N MET B 226 -18.73 -9.80 -3.86
CA MET B 226 -19.30 -8.66 -3.15
C MET B 226 -20.66 -9.01 -2.54
N ALA B 227 -21.51 -9.67 -3.31
CA ALA B 227 -22.85 -10.03 -2.84
C ALA B 227 -22.72 -10.99 -1.66
N ARG B 228 -21.73 -11.87 -1.72
CA ARG B 228 -21.41 -12.75 -0.59
C ARG B 228 -20.99 -11.96 0.65
N GLU B 229 -20.03 -11.05 0.50
CA GLU B 229 -19.54 -10.33 1.67
C GLU B 229 -20.56 -9.40 2.31
N ILE B 230 -21.43 -8.79 1.53
CA ILE B 230 -22.39 -7.84 2.10
C ILE B 230 -23.73 -8.53 2.35
N ASN B 231 -23.81 -9.81 1.97
CA ASN B 231 -24.97 -10.64 2.25
C ASN B 231 -26.27 -10.00 1.76
N THR B 232 -26.20 -9.40 0.58
CA THR B 232 -27.32 -8.72 -0.02
C THR B 232 -27.28 -8.92 -1.53
N GLU B 233 -28.43 -9.02 -2.17
CA GLU B 233 -28.49 -9.06 -3.61
C GLU B 233 -27.88 -7.78 -4.19
N ILE B 234 -27.11 -7.93 -5.27
CA ILE B 234 -26.54 -6.80 -5.98
C ILE B 234 -27.03 -6.82 -7.41
N ILE B 235 -27.52 -5.67 -7.87
CA ILE B 235 -28.02 -5.53 -9.23
C ILE B 235 -26.91 -4.85 -10.02
N VAL B 236 -26.58 -5.39 -11.17
CA VAL B 236 -25.56 -4.79 -12.01
C VAL B 236 -26.13 -4.51 -13.38
N PRO B 237 -26.08 -3.26 -13.84
CA PRO B 237 -26.51 -2.99 -15.23
C PRO B 237 -25.71 -3.83 -16.21
N ASP B 238 -26.24 -4.05 -17.42
CA ASP B 238 -25.43 -4.70 -18.45
C ASP B 238 -24.28 -3.78 -18.91
N ILE B 239 -24.37 -2.49 -18.60
CA ILE B 239 -23.37 -1.50 -18.99
C ILE B 239 -22.78 -0.78 -17.77
N PRO B 240 -22.24 -1.55 -16.80
CA PRO B 240 -21.91 -0.92 -15.52
C PRO B 240 -20.82 0.17 -15.61
N GLN B 241 -19.93 0.06 -16.59
CA GLN B 241 -18.84 1.03 -16.72
C GLN B 241 -19.32 2.36 -17.31
N LEU B 242 -20.50 2.35 -17.91
CA LEU B 242 -20.98 3.51 -18.66
C LEU B 242 -22.02 4.35 -17.94
N THR B 243 -22.31 4.06 -16.67
CA THR B 243 -23.40 4.72 -16.00
C THR B 243 -23.12 6.20 -15.76
N GLY B 244 -21.85 6.56 -15.54
CA GLY B 244 -21.49 7.97 -15.40
C GLY B 244 -21.68 8.72 -16.71
N ALA B 245 -21.22 8.14 -17.81
CA ALA B 245 -21.42 8.73 -19.13
C ALA B 245 -22.91 8.84 -19.45
N LEU B 246 -23.67 7.83 -19.05
CA LEU B 246 -25.12 7.86 -19.32
C LEU B 246 -25.78 8.99 -18.52
N GLY B 247 -25.41 9.11 -17.25
CA GLY B 247 -25.94 10.17 -16.40
C GLY B 247 -25.58 11.54 -16.95
N ALA B 248 -24.34 11.70 -17.41
CA ALA B 248 -23.95 12.94 -18.07
C ALA B 248 -24.83 13.23 -19.29
N ALA B 249 -25.10 12.20 -20.07
CA ALA B 249 -25.92 12.32 -21.27
C ALA B 249 -27.36 12.72 -20.93
N LEU B 250 -27.83 12.30 -19.76
CA LEU B 250 -29.15 12.66 -19.29
C LEU B 250 -29.20 14.12 -18.81
N TYR B 251 -28.15 14.56 -18.13
CA TYR B 251 -28.08 15.98 -17.78
C TYR B 251 -27.94 16.84 -19.02
N ALA B 252 -27.26 16.31 -20.03
CA ALA B 252 -27.14 17.02 -21.30
C ALA B 252 -28.52 17.19 -21.94
N PHE B 253 -29.33 16.14 -21.85
CA PHE B 253 -30.69 16.16 -22.36
C PHE B 253 -31.51 17.21 -21.62
N ASP B 254 -31.33 17.32 -20.31
CA ASP B 254 -31.97 18.35 -19.52
C ASP B 254 -31.61 19.74 -20.04
N GLU B 255 -30.34 19.92 -20.38
CA GLU B 255 -29.85 21.21 -20.87
C GLU B 255 -30.45 21.52 -22.24
N ALA B 256 -30.49 20.51 -23.09
CA ALA B 256 -30.96 20.71 -24.46
C ALA B 256 -32.42 21.14 -24.45
N LYS B 257 -33.21 20.53 -23.58
CA LYS B 257 -34.63 20.88 -23.49
C LYS B 257 -34.79 22.31 -22.98
N GLU B 258 -34.01 22.65 -21.97
CA GLU B 258 -34.05 23.96 -21.35
C GLU B 258 -33.75 25.06 -22.36
N SER B 259 -33.01 24.73 -23.40
CA SER B 259 -32.67 25.68 -24.45
C SER B 259 -33.88 25.94 -25.35
#